data_3GKX
#
_entry.id   3GKX
#
_cell.length_a   81.900
_cell.length_b   47.193
_cell.length_c   56.737
_cell.angle_alpha   90.00
_cell.angle_beta   90.00
_cell.angle_gamma   90.00
#
_symmetry.space_group_name_H-M   'P 21 21 2'
#
loop_
_entity.id
_entity.type
_entity.pdbx_description
1 polymer 'Putative ArsC family related protein'
2 water water
#
_entity_poly.entity_id   1
_entity_poly.type   'polypeptide(L)'
_entity_poly.pdbx_seq_one_letter_code
;SNA(MSE)KTLFLQYPACSTCQKAKKWLIENNIEYTNRLIVDDNPTVEELKAWIPLSGLPVKKFFNTSGVVYKELKLSSK
LPT(MSE)TEEEQIALLATNGKLVKRPLVVTERFVLVGFKPEEWEKLK
;
_entity_poly.pdbx_strand_id   A,B
#
# COMPACT_ATOMS: atom_id res chain seq x y z
N MSE A 4 5.36 -21.89 -11.39
CA MSE A 4 3.89 -22.08 -11.37
C MSE A 4 3.26 -21.26 -12.50
O MSE A 4 3.95 -20.56 -13.24
CB MSE A 4 3.26 -21.65 -10.01
CG MSE A 4 3.97 -22.16 -8.74
SE MSE A 4 5.23 -23.59 -9.14
CE MSE A 4 6.95 -22.66 -8.77
N LYS A 5 1.94 -21.38 -12.63
CA LYS A 5 1.19 -20.57 -13.55
C LYS A 5 1.30 -19.12 -13.07
N THR A 6 1.02 -18.20 -13.97
CA THR A 6 0.94 -16.80 -13.69
C THR A 6 -0.46 -16.50 -14.07
N LEU A 7 -1.33 -16.26 -13.08
CA LEU A 7 -2.72 -15.99 -13.38
C LEU A 7 -2.86 -14.56 -13.79
N PHE A 8 -3.62 -14.33 -14.87
CA PHE A 8 -3.94 -13.02 -15.38
C PHE A 8 -5.45 -12.92 -15.30
N LEU A 9 -5.92 -12.28 -14.21
CA LEU A 9 -7.35 -12.09 -13.99
C LEU A 9 -7.84 -10.79 -14.67
N GLN A 10 -8.85 -10.89 -15.55
CA GLN A 10 -9.27 -9.76 -16.35
C GLN A 10 -10.73 -9.76 -16.81
N TYR A 11 -11.15 -8.62 -17.33
CA TYR A 11 -12.49 -8.49 -17.86
C TYR A 11 -12.34 -8.10 -19.32
N PRO A 12 -12.72 -8.98 -20.26
CA PRO A 12 -12.55 -8.72 -21.69
C PRO A 12 -12.86 -7.27 -22.13
N ALA A 13 -14.06 -6.78 -21.81
CA ALA A 13 -14.53 -5.49 -22.27
C ALA A 13 -13.83 -4.28 -21.62
N CYS A 14 -12.84 -4.54 -20.78
CA CYS A 14 -12.17 -3.49 -20.05
C CYS A 14 -10.95 -3.04 -20.83
N SER A 15 -10.77 -1.73 -21.05
CA SER A 15 -9.68 -1.26 -21.94
C SER A 15 -8.27 -1.27 -21.31
N THR A 16 -8.19 -1.18 -19.99
CA THR A 16 -6.93 -1.35 -19.26
C THR A 16 -6.44 -2.80 -19.23
N CYS A 17 -7.38 -3.74 -19.17
CA CYS A 17 -7.02 -5.17 -19.26
C CYS A 17 -6.48 -5.44 -20.65
N GLN A 18 -7.17 -4.90 -21.66
CA GLN A 18 -6.75 -4.96 -23.07
C GLN A 18 -5.32 -4.42 -23.24
N LYS A 19 -5.01 -3.31 -22.56
CA LYS A 19 -3.65 -2.74 -22.51
C LYS A 19 -2.63 -3.62 -21.79
N ALA A 20 -3.06 -4.18 -20.66
CA ALA A 20 -2.28 -5.21 -19.91
C ALA A 20 -1.88 -6.41 -20.78
N LYS A 21 -2.90 -7.06 -21.37
CA LYS A 21 -2.73 -8.22 -22.28
C LYS A 21 -1.77 -7.85 -23.40
N LYS A 22 -2.09 -6.80 -24.16
CA LYS A 22 -1.16 -6.26 -25.20
C LYS A 22 0.27 -6.17 -24.66
N TRP A 23 0.44 -5.69 -23.42
CA TRP A 23 1.78 -5.55 -22.86
C TRP A 23 2.43 -6.87 -22.52
N LEU A 24 1.68 -7.84 -22.02
CA LEU A 24 2.25 -9.15 -21.69
C LEU A 24 2.73 -9.91 -22.96
N ILE A 25 1.90 -9.89 -24.01
CA ILE A 25 2.21 -10.51 -25.29
C ILE A 25 3.45 -9.83 -25.92
N GLU A 26 3.40 -8.51 -26.10
CA GLU A 26 4.56 -7.70 -26.57
C GLU A 26 5.85 -8.06 -25.83
N ASN A 27 5.76 -8.33 -24.53
N ASN A 27 5.69 -8.54 -24.61
CA ASN A 27 6.94 -8.50 -23.66
CA ASN A 27 6.79 -9.00 -23.77
C ASN A 27 7.28 -9.96 -23.31
C ASN A 27 6.93 -10.53 -23.64
N ASN A 28 6.69 -10.88 -24.09
N ASN A 28 6.10 -11.30 -24.35
CA ASN A 28 6.91 -12.34 -23.98
CA ASN A 28 6.25 -12.73 -24.30
C ASN A 28 6.83 -12.88 -22.58
C ASN A 28 6.49 -13.22 -22.86
N ILE A 29 5.68 -12.71 -21.92
CA ILE A 29 5.54 -13.22 -20.57
C ILE A 29 4.47 -14.29 -20.63
N GLU A 30 4.77 -15.47 -20.10
CA GLU A 30 3.82 -16.55 -20.20
C GLU A 30 2.76 -16.39 -19.09
N TYR A 31 1.48 -16.44 -19.46
CA TYR A 31 0.35 -16.25 -18.52
C TYR A 31 -0.82 -17.19 -18.80
N THR A 32 -1.69 -17.34 -17.80
N THR A 32 -1.66 -17.35 -17.79
CA THR A 32 -2.90 -18.10 -17.97
CA THR A 32 -2.90 -18.10 -17.89
C THR A 32 -4.07 -17.19 -17.73
C THR A 32 -4.05 -17.13 -17.72
N ASN A 33 -4.88 -17.03 -18.76
CA ASN A 33 -6.03 -16.19 -18.68
C ASN A 33 -7.07 -16.70 -17.69
N ARG A 34 -7.57 -15.80 -16.85
CA ARG A 34 -8.72 -16.11 -15.99
C ARG A 34 -9.77 -14.99 -16.02
N LEU A 35 -11.05 -15.34 -16.17
CA LEU A 35 -12.11 -14.33 -16.10
C LEU A 35 -12.42 -13.91 -14.63
N ILE A 36 -12.03 -12.68 -14.28
CA ILE A 36 -12.15 -12.18 -12.90
C ILE A 36 -13.59 -12.04 -12.39
N VAL A 37 -14.54 -11.86 -13.32
CA VAL A 37 -15.95 -11.82 -12.97
C VAL A 37 -16.57 -13.22 -12.85
N ASP A 38 -16.47 -14.04 -13.90
CA ASP A 38 -17.03 -15.39 -13.92
C ASP A 38 -16.31 -16.30 -12.90
N ASP A 39 -14.99 -16.14 -12.79
CA ASP A 39 -14.15 -16.98 -11.92
C ASP A 39 -13.51 -16.09 -10.83
N ASN A 40 -14.36 -15.62 -9.91
CA ASN A 40 -13.98 -14.53 -9.07
C ASN A 40 -13.10 -14.96 -7.94
N PRO A 41 -12.21 -14.06 -7.49
CA PRO A 41 -11.31 -14.34 -6.41
C PRO A 41 -12.07 -14.76 -5.16
N THR A 42 -11.59 -15.83 -4.51
CA THR A 42 -12.25 -16.37 -3.33
C THR A 42 -11.63 -15.73 -2.10
N VAL A 43 -12.23 -15.95 -0.92
CA VAL A 43 -11.68 -15.34 0.30
C VAL A 43 -10.27 -15.89 0.57
N GLU A 44 -10.08 -17.20 0.39
CA GLU A 44 -8.74 -17.84 0.58
C GLU A 44 -7.71 -17.24 -0.40
N GLU A 45 -8.15 -16.91 -1.64
CA GLU A 45 -7.25 -16.31 -2.61
C GLU A 45 -6.86 -14.88 -2.18
N LEU A 46 -7.87 -14.07 -1.82
CA LEU A 46 -7.64 -12.70 -1.35
C LEU A 46 -6.76 -12.61 -0.11
N LYS A 47 -6.93 -13.53 0.86
CA LYS A 47 -6.13 -13.46 2.07
C LYS A 47 -4.66 -13.76 1.80
N ALA A 48 -4.36 -14.55 0.78
CA ALA A 48 -2.96 -14.80 0.39
C ALA A 48 -2.42 -13.74 -0.59
N TRP A 49 -3.26 -13.29 -1.53
CA TRP A 49 -2.83 -12.32 -2.55
C TRP A 49 -2.54 -10.90 -2.00
N ILE A 50 -3.33 -10.49 -1.04
CA ILE A 50 -3.21 -9.14 -0.53
C ILE A 50 -1.88 -8.88 0.18
N PRO A 51 -1.47 -9.74 1.13
CA PRO A 51 -0.10 -9.70 1.67
C PRO A 51 0.99 -9.67 0.61
N LEU A 52 0.82 -10.44 -0.46
CA LEU A 52 1.81 -10.53 -1.55
C LEU A 52 1.99 -9.27 -2.42
N SER A 53 0.95 -8.44 -2.48
CA SER A 53 0.98 -7.23 -3.26
C SER A 53 1.59 -6.08 -2.46
N GLY A 54 1.57 -6.16 -1.13
CA GLY A 54 2.05 -5.05 -0.30
C GLY A 54 1.19 -3.79 -0.35
N LEU A 55 0.01 -3.90 -0.94
CA LEU A 55 -0.92 -2.79 -1.03
C LEU A 55 -1.96 -2.86 0.10
N PRO A 56 -2.58 -1.73 0.47
CA PRO A 56 -3.74 -1.83 1.35
C PRO A 56 -4.90 -2.59 0.68
N VAL A 57 -5.71 -3.30 1.48
CA VAL A 57 -6.85 -4.06 0.97
C VAL A 57 -7.75 -3.19 0.10
N LYS A 58 -7.85 -1.94 0.51
CA LYS A 58 -8.53 -0.86 -0.15
C LYS A 58 -8.19 -0.86 -1.63
N LYS A 59 -6.91 -1.05 -1.97
CA LYS A 59 -6.48 -0.93 -3.36
C LYS A 59 -6.96 -2.05 -4.27
N PHE A 60 -7.56 -3.08 -3.71
CA PHE A 60 -8.05 -4.18 -4.51
C PHE A 60 -9.48 -3.95 -4.99
N PHE A 61 -10.04 -2.77 -4.73
CA PHE A 61 -11.41 -2.47 -5.20
C PHE A 61 -11.47 -1.79 -6.57
N ASN A 62 -12.33 -2.31 -7.43
CA ASN A 62 -12.67 -1.66 -8.71
C ASN A 62 -13.42 -0.34 -8.48
N THR A 63 -12.71 0.80 -8.60
CA THR A 63 -13.28 2.10 -8.30
C THR A 63 -14.16 2.64 -9.42
N SER A 64 -14.23 1.97 -10.56
CA SER A 64 -15.22 2.34 -11.55
C SER A 64 -16.44 1.37 -11.61
N GLY A 65 -16.53 0.40 -10.72
CA GLY A 65 -17.72 -0.46 -10.69
C GLY A 65 -18.97 0.19 -10.10
N VAL A 66 -20.11 -0.42 -10.37
CA VAL A 66 -21.44 0.12 -10.03
C VAL A 66 -21.67 0.06 -8.54
N VAL A 67 -21.29 -1.06 -7.91
CA VAL A 67 -21.45 -1.21 -6.46
C VAL A 67 -20.57 -0.22 -5.73
N TYR A 68 -19.33 -0.13 -6.19
CA TYR A 68 -18.41 0.83 -5.61
C TYR A 68 -19.01 2.23 -5.57
N LYS A 69 -19.63 2.64 -6.67
CA LYS A 69 -20.12 4.01 -6.73
C LYS A 69 -21.42 4.14 -5.94
N GLU A 70 -22.34 3.18 -6.14
CA GLU A 70 -23.67 3.30 -5.55
C GLU A 70 -23.64 3.10 -4.01
N LEU A 71 -22.72 2.27 -3.53
CA LEU A 71 -22.51 2.09 -2.08
C LEU A 71 -21.61 3.18 -1.43
N LYS A 72 -21.09 4.10 -2.26
CA LYS A 72 -20.22 5.17 -1.81
C LYS A 72 -19.04 4.52 -1.08
N LEU A 73 -18.42 3.56 -1.76
CA LEU A 73 -17.31 2.85 -1.14
C LEU A 73 -16.04 3.66 -0.92
N SER A 74 -15.87 4.79 -1.61
N SER A 74 -15.80 4.68 -1.76
CA SER A 74 -14.77 5.69 -1.21
CA SER A 74 -14.59 5.52 -1.65
C SER A 74 -14.91 6.31 0.18
C SER A 74 -14.42 6.01 -0.21
N SER A 75 -16.14 6.64 0.61
N SER A 75 -15.55 6.38 0.40
CA SER A 75 -16.27 7.19 1.96
CA SER A 75 -15.60 6.85 1.79
C SER A 75 -16.44 6.07 2.98
C SER A 75 -15.88 5.72 2.76
N LYS A 76 -16.84 4.88 2.52
N LYS A 76 -16.71 4.77 2.36
CA LYS A 76 -17.15 3.77 3.42
CA LYS A 76 -17.18 3.73 3.27
C LYS A 76 -15.93 2.92 3.80
C LYS A 76 -16.03 2.83 3.73
N LEU A 77 -15.09 2.60 2.81
CA LEU A 77 -14.01 1.66 3.04
C LEU A 77 -13.12 1.92 4.27
N PRO A 78 -12.76 3.20 4.55
CA PRO A 78 -11.92 3.45 5.76
C PRO A 78 -12.65 3.19 7.09
N THR A 79 -13.99 3.04 7.04
CA THR A 79 -14.79 2.73 8.24
C THR A 79 -15.01 1.23 8.42
N MSE A 80 -14.31 0.43 7.61
CA MSE A 80 -14.43 -1.03 7.60
C MSE A 80 -13.09 -1.63 7.90
O MSE A 80 -12.07 -1.11 7.45
CB MSE A 80 -14.85 -1.51 6.21
CG MSE A 80 -16.17 -0.94 5.75
SE MSE A 80 -16.63 -1.57 3.96
CE MSE A 80 -16.64 -3.50 4.21
N THR A 81 -13.09 -2.73 8.66
CA THR A 81 -11.85 -3.46 8.96
C THR A 81 -11.38 -4.20 7.71
N GLU A 82 -10.12 -4.62 7.69
CA GLU A 82 -9.57 -5.44 6.59
C GLU A 82 -10.43 -6.67 6.29
N GLU A 83 -10.82 -7.38 7.33
CA GLU A 83 -11.65 -8.58 7.21
C GLU A 83 -13.01 -8.33 6.57
N GLU A 84 -13.65 -7.25 6.98
CA GLU A 84 -14.91 -6.84 6.37
C GLU A 84 -14.68 -6.50 4.90
N GLN A 85 -13.57 -5.85 4.58
CA GLN A 85 -13.28 -5.45 3.18
C GLN A 85 -13.09 -6.71 2.30
N ILE A 86 -12.37 -7.68 2.84
CA ILE A 86 -12.07 -8.95 2.12
C ILE A 86 -13.32 -9.80 1.89
N ALA A 87 -14.19 -9.87 2.90
CA ALA A 87 -15.45 -10.57 2.74
C ALA A 87 -16.31 -9.88 1.65
N LEU A 88 -16.35 -8.54 1.61
CA LEU A 88 -17.10 -7.83 0.54
C LEU A 88 -16.48 -8.13 -0.86
N LEU A 89 -15.18 -7.97 -0.97
CA LEU A 89 -14.41 -8.20 -2.20
C LEU A 89 -14.66 -9.59 -2.77
N ALA A 90 -14.73 -10.59 -1.89
CA ALA A 90 -14.98 -11.97 -2.30
C ALA A 90 -16.40 -12.26 -2.77
N THR A 91 -17.34 -11.34 -2.56
N THR A 91 -17.31 -11.32 -2.58
CA THR A 91 -18.71 -11.68 -2.89
CA THR A 91 -18.70 -11.61 -2.86
C THR A 91 -18.94 -11.68 -4.40
C THR A 91 -19.04 -11.57 -4.35
N ASN A 92 -18.29 -10.78 -5.12
CA ASN A 92 -18.53 -10.68 -6.57
C ASN A 92 -17.30 -10.18 -7.28
N GLY A 93 -16.98 -10.81 -8.41
CA GLY A 93 -15.83 -10.39 -9.20
C GLY A 93 -15.80 -8.95 -9.69
N LYS A 94 -16.97 -8.36 -9.97
CA LYS A 94 -17.02 -6.97 -10.43
C LYS A 94 -16.50 -5.98 -9.39
N LEU A 95 -16.50 -6.37 -8.11
CA LEU A 95 -15.89 -5.51 -7.05
C LEU A 95 -14.33 -5.39 -7.07
N VAL A 96 -13.63 -6.27 -7.82
CA VAL A 96 -12.16 -6.39 -7.64
C VAL A 96 -11.51 -5.58 -8.73
N LYS A 97 -10.44 -4.84 -8.38
CA LYS A 97 -9.64 -4.16 -9.35
C LYS A 97 -9.07 -5.15 -10.39
N ARG A 98 -9.05 -4.71 -11.64
N ARG A 98 -9.09 -4.73 -11.65
CA ARG A 98 -8.55 -5.50 -12.76
CA ARG A 98 -8.52 -5.52 -12.74
C ARG A 98 -7.65 -4.60 -13.63
C ARG A 98 -7.66 -4.62 -13.63
N PRO A 99 -6.65 -5.21 -14.31
CA PRO A 99 -6.25 -6.64 -14.23
C PRO A 99 -5.53 -6.93 -12.92
N LEU A 100 -5.43 -8.20 -12.54
CA LEU A 100 -4.55 -8.65 -11.46
C LEU A 100 -3.62 -9.67 -12.05
N VAL A 101 -2.33 -9.62 -11.74
CA VAL A 101 -1.45 -10.74 -12.10
C VAL A 101 -1.01 -11.41 -10.79
N VAL A 102 -1.11 -12.73 -10.73
CA VAL A 102 -0.74 -13.50 -9.55
C VAL A 102 0.35 -14.48 -9.88
N THR A 103 1.48 -14.37 -9.20
CA THR A 103 2.55 -15.41 -9.20
C THR A 103 2.85 -15.82 -7.75
N GLU A 104 3.76 -16.78 -7.57
CA GLU A 104 4.20 -17.18 -6.22
C GLU A 104 4.98 -16.08 -5.47
N ARG A 105 5.75 -15.29 -6.23
CA ARG A 105 6.66 -14.30 -5.68
C ARG A 105 5.88 -13.07 -5.32
N PHE A 106 4.88 -12.74 -6.13
CA PHE A 106 4.22 -11.47 -5.98
C PHE A 106 2.86 -11.33 -6.66
N VAL A 107 2.15 -10.29 -6.25
CA VAL A 107 0.88 -9.95 -6.84
C VAL A 107 0.87 -8.49 -7.30
N LEU A 108 0.44 -8.30 -8.55
CA LEU A 108 0.28 -6.96 -9.16
C LEU A 108 -1.20 -6.64 -9.35
N VAL A 109 -1.57 -5.41 -9.08
CA VAL A 109 -2.94 -4.97 -9.10
C VAL A 109 -3.06 -3.78 -10.06
N GLY A 110 -3.96 -3.86 -11.04
CA GLY A 110 -4.05 -2.77 -12.04
C GLY A 110 -2.82 -2.78 -12.95
N PHE A 111 -2.82 -1.94 -13.98
CA PHE A 111 -1.71 -2.02 -14.94
C PHE A 111 -0.86 -0.77 -14.99
N LYS A 112 0.27 -0.83 -14.30
CA LYS A 112 1.21 0.27 -14.25
C LYS A 112 2.49 -0.30 -14.84
N PRO A 113 2.80 0.02 -16.13
CA PRO A 113 3.84 -0.69 -16.87
C PRO A 113 5.20 -0.84 -16.15
N GLU A 114 5.62 0.19 -15.42
CA GLU A 114 6.92 0.16 -14.70
C GLU A 114 6.98 -0.93 -13.62
N GLU A 115 5.87 -1.16 -12.93
CA GLU A 115 5.81 -2.14 -11.84
C GLU A 115 5.74 -3.59 -12.37
N TRP A 116 5.27 -3.75 -13.59
CA TRP A 116 5.16 -5.07 -14.19
C TRP A 116 6.51 -5.55 -14.74
N GLU A 117 7.58 -4.78 -14.47
CA GLU A 117 8.98 -5.13 -14.79
C GLU A 117 9.45 -6.36 -14.05
N LYS A 118 8.96 -6.49 -12.81
CA LYS A 118 9.14 -7.67 -11.97
C LYS A 118 8.85 -8.96 -12.72
N LEU A 119 7.96 -8.90 -13.70
CA LEU A 119 7.62 -10.12 -14.44
C LEU A 119 8.75 -10.65 -15.37
N LYS A 120 9.99 -10.18 -15.14
CA LYS A 120 11.19 -10.39 -15.99
C LYS A 120 11.03 -9.75 -17.35
N ASN B 2 16.59 22.48 -2.83
CA ASN B 2 15.96 23.16 -1.66
C ASN B 2 15.60 22.11 -0.58
N ALA B 3 16.07 22.38 0.64
CA ALA B 3 15.84 21.52 1.78
C ALA B 3 14.38 21.49 2.21
N MSE B 4 13.60 22.47 1.76
CA MSE B 4 12.18 22.61 2.09
C MSE B 4 11.28 21.68 1.27
O MSE B 4 10.07 21.73 1.40
CB MSE B 4 11.72 24.06 1.87
CG MSE B 4 11.95 25.01 3.04
SE MSE B 4 11.60 26.96 2.62
CE MSE B 4 10.16 26.78 1.28
N LYS B 5 11.87 20.87 0.40
CA LYS B 5 11.11 19.99 -0.47
C LYS B 5 11.20 18.53 -0.01
N THR B 6 11.98 18.29 1.03
CA THR B 6 12.11 16.95 1.56
C THR B 6 12.05 16.96 3.06
N LEU B 7 11.03 16.33 3.63
CA LEU B 7 10.88 16.36 5.07
C LEU B 7 11.28 15.01 5.63
N PHE B 8 12.29 15.05 6.51
CA PHE B 8 12.87 13.89 7.21
C PHE B 8 12.43 13.80 8.69
N LEU B 9 11.55 12.84 8.98
CA LEU B 9 11.06 12.66 10.32
C LEU B 9 11.73 11.47 10.98
N GLN B 10 12.36 11.72 12.11
CA GLN B 10 13.19 10.70 12.74
C GLN B 10 13.21 10.79 14.26
N TYR B 11 13.70 9.72 14.89
CA TYR B 11 14.02 9.68 16.31
C TYR B 11 15.53 9.41 16.43
N PRO B 12 16.30 10.43 16.89
CA PRO B 12 17.77 10.45 16.78
C PRO B 12 18.49 9.27 17.46
N ALA B 13 17.94 8.75 18.56
CA ALA B 13 18.50 7.59 19.26
C ALA B 13 18.32 6.27 18.52
N CYS B 14 17.37 6.24 17.58
CA CYS B 14 17.13 5.06 16.73
C CYS B 14 18.23 4.81 15.68
N SER B 15 18.53 3.52 15.51
CA SER B 15 19.66 3.01 14.72
C SER B 15 19.43 3.00 13.20
N THR B 16 18.16 2.81 12.82
CA THR B 16 17.76 2.85 11.41
C THR B 16 17.78 4.31 10.96
N CYS B 17 17.39 5.21 11.85
CA CYS B 17 17.36 6.65 11.54
C CYS B 17 18.74 7.18 11.19
N GLN B 18 19.69 6.96 12.09
CA GLN B 18 21.08 7.34 11.89
C GLN B 18 21.60 6.91 10.52
N LYS B 19 21.36 5.64 10.19
CA LYS B 19 21.72 5.08 8.89
C LYS B 19 21.10 5.91 7.74
N ALA B 20 19.79 6.18 7.82
CA ALA B 20 19.07 6.91 6.78
C ALA B 20 19.63 8.31 6.61
N LYS B 21 19.86 8.96 7.74
CA LYS B 21 20.37 10.29 7.77
C LYS B 21 21.77 10.27 7.13
N LYS B 22 22.64 9.32 7.55
CA LYS B 22 23.93 9.13 6.88
C LYS B 22 23.79 9.03 5.35
N TRP B 23 22.87 8.18 4.88
CA TRP B 23 22.54 8.08 3.46
C TRP B 23 22.10 9.39 2.79
N LEU B 24 21.20 10.15 3.41
CA LEU B 24 20.79 11.45 2.80
C LEU B 24 21.98 12.39 2.60
N ILE B 25 22.88 12.45 3.58
CA ILE B 25 24.03 13.37 3.44
C ILE B 25 25.03 12.83 2.41
N GLU B 26 25.38 11.55 2.53
CA GLU B 26 26.20 10.87 1.53
C GLU B 26 25.66 11.17 0.13
N ASN B 27 24.35 11.11 -0.07
CA ASN B 27 23.79 11.32 -1.40
C ASN B 27 23.47 12.77 -1.80
N ASN B 28 23.92 13.72 -0.98
CA ASN B 28 23.76 15.16 -1.20
C ASN B 28 22.31 15.65 -1.20
N ILE B 29 21.43 14.94 -0.51
CA ILE B 29 20.02 15.35 -0.44
C ILE B 29 19.79 16.35 0.70
N GLU B 30 19.53 17.60 0.31
CA GLU B 30 19.06 18.63 1.23
C GLU B 30 17.67 18.24 1.72
N TYR B 31 17.41 18.50 3.00
CA TYR B 31 16.16 18.15 3.64
C TYR B 31 15.99 18.97 4.90
N THR B 32 14.78 18.92 5.43
CA THR B 32 14.42 19.63 6.63
C THR B 32 14.21 18.56 7.69
N ASN B 33 14.97 18.65 8.80
CA ASN B 33 14.85 17.73 9.94
C ASN B 33 13.54 17.96 10.68
N ARG B 34 13.06 16.89 11.33
CA ARG B 34 11.88 16.92 12.20
C ARG B 34 11.89 15.66 13.07
N LEU B 35 11.70 15.89 14.37
CA LEU B 35 11.72 14.87 15.39
C LEU B 35 10.32 14.30 15.50
N ILE B 36 10.17 13.06 15.04
CA ILE B 36 8.88 12.37 14.99
C ILE B 36 8.19 12.24 16.36
N VAL B 37 8.95 12.25 17.46
CA VAL B 37 8.36 12.11 18.78
C VAL B 37 7.96 13.47 19.38
N ASP B 38 8.87 14.44 19.42
CA ASP B 38 8.57 15.80 19.89
C ASP B 38 7.51 16.48 19.03
N ASP B 39 7.60 16.33 17.73
CA ASP B 39 6.63 16.96 16.86
C ASP B 39 5.97 15.87 16.00
N ASN B 40 4.99 15.20 16.61
CA ASN B 40 4.43 13.98 16.07
C ASN B 40 3.47 14.27 14.93
N PRO B 41 3.34 13.34 13.95
CA PRO B 41 2.37 13.54 12.87
C PRO B 41 0.94 13.73 13.40
N THR B 42 0.20 14.62 12.74
CA THR B 42 -1.22 14.87 13.06
C THR B 42 -2.11 14.08 12.11
N VAL B 43 -3.39 13.95 12.47
CA VAL B 43 -4.33 13.27 11.57
C VAL B 43 -4.30 13.83 10.13
N GLU B 44 -4.29 15.15 9.99
CA GLU B 44 -4.37 15.79 8.67
C GLU B 44 -3.12 15.44 7.82
N GLU B 45 -1.98 15.35 8.48
CA GLU B 45 -0.77 14.91 7.81
C GLU B 45 -0.83 13.44 7.40
N LEU B 46 -1.11 12.59 8.38
CA LEU B 46 -1.16 11.17 8.14
C LEU B 46 -2.11 10.86 7.00
N LYS B 47 -3.20 11.61 6.95
CA LYS B 47 -4.22 11.38 5.92
C LYS B 47 -3.73 11.76 4.53
N ALA B 48 -2.75 12.65 4.44
CA ALA B 48 -2.10 12.95 3.14
C ALA B 48 -0.89 12.02 2.90
N TRP B 49 -0.12 11.74 3.96
CA TRP B 49 1.12 10.96 3.78
C TRP B 49 0.89 9.49 3.45
N ILE B 50 -0.16 8.89 4.01
CA ILE B 50 -0.31 7.44 3.84
C ILE B 50 -0.64 7.06 2.39
N PRO B 51 -1.66 7.72 1.78
CA PRO B 51 -1.96 7.46 0.37
C PRO B 51 -0.77 7.71 -0.55
N LEU B 52 0.02 8.74 -0.29
CA LEU B 52 1.22 9.05 -1.10
C LEU B 52 2.24 7.97 -0.99
N SER B 53 2.31 7.31 0.17
CA SER B 53 3.24 6.21 0.39
C SER B 53 2.86 4.96 -0.40
N GLY B 54 1.57 4.80 -0.73
CA GLY B 54 1.11 3.56 -1.38
C GLY B 54 1.05 2.33 -0.45
N LEU B 55 1.29 2.54 0.86
CA LEU B 55 1.37 1.43 1.80
C LEU B 55 0.16 1.27 2.71
N PRO B 56 -0.09 0.02 3.24
CA PRO B 56 -1.10 -0.18 4.26
C PRO B 56 -0.84 0.67 5.51
N VAL B 57 -1.91 1.04 6.19
CA VAL B 57 -1.78 1.94 7.29
C VAL B 57 -1.03 1.26 8.40
N LYS B 58 -1.16 -0.06 8.53
CA LYS B 58 -0.35 -0.78 9.54
C LYS B 58 1.16 -0.62 9.37
N LYS B 59 1.63 -0.37 8.14
CA LYS B 59 3.06 -0.19 7.85
C LYS B 59 3.62 1.09 8.44
N PHE B 60 2.74 1.96 8.92
CA PHE B 60 3.17 3.20 9.58
C PHE B 60 3.32 3.02 11.07
N PHE B 61 3.21 1.76 11.54
CA PHE B 61 3.43 1.49 12.94
C PHE B 61 4.86 1.08 13.25
N ASN B 62 5.39 1.67 14.30
CA ASN B 62 6.67 1.29 14.93
C ASN B 62 6.54 -0.04 15.73
N THR B 63 6.66 -1.18 15.04
CA THR B 63 6.48 -2.50 15.67
C THR B 63 7.70 -2.97 16.49
N SER B 64 8.69 -2.08 16.63
CA SER B 64 9.81 -2.33 17.53
C SER B 64 9.56 -1.53 18.81
N GLY B 65 8.54 -0.68 18.80
CA GLY B 65 8.29 0.20 19.94
C GLY B 65 7.83 -0.51 21.21
N VAL B 66 8.04 0.12 22.35
CA VAL B 66 7.52 -0.38 23.63
C VAL B 66 6.03 0.01 23.76
N VAL B 67 5.65 1.16 23.18
CA VAL B 67 4.28 1.69 23.32
C VAL B 67 3.33 0.82 22.52
N TYR B 68 3.76 0.46 21.31
CA TYR B 68 3.12 -0.59 20.55
C TYR B 68 2.88 -1.90 21.35
N LYS B 69 3.93 -2.34 22.04
CA LYS B 69 3.95 -3.60 22.78
C LYS B 69 2.87 -3.61 23.87
N GLU B 70 2.90 -2.61 24.74
N GLU B 70 2.94 -2.63 24.77
CA GLU B 70 2.03 -2.55 25.91
CA GLU B 70 2.03 -2.51 25.90
C GLU B 70 0.58 -2.13 25.63
C GLU B 70 0.57 -2.41 25.48
N LEU B 71 0.29 -1.67 24.40
CA LEU B 71 -1.08 -1.47 23.94
C LEU B 71 -1.57 -2.65 23.09
N LYS B 72 -0.75 -3.70 23.00
CA LYS B 72 -1.12 -4.93 22.31
C LYS B 72 -1.64 -4.65 20.90
N LEU B 73 -0.98 -3.73 20.19
CA LEU B 73 -1.40 -3.36 18.84
C LEU B 73 -1.18 -4.47 17.79
N SER B 74 -0.21 -5.35 18.05
CA SER B 74 -0.09 -6.66 17.38
C SER B 74 -1.44 -7.36 17.13
N SER B 75 -2.26 -7.41 18.19
CA SER B 75 -3.53 -8.11 18.13
C SER B 75 -4.65 -7.14 17.74
N LYS B 76 -4.55 -5.89 18.19
CA LYS B 76 -5.65 -4.95 18.06
C LYS B 76 -5.82 -4.30 16.70
N LEU B 77 -4.76 -4.23 15.89
CA LEU B 77 -4.78 -3.39 14.69
C LEU B 77 -5.79 -3.83 13.65
N PRO B 78 -5.89 -5.16 13.40
CA PRO B 78 -6.86 -5.58 12.41
C PRO B 78 -8.24 -4.98 12.72
N THR B 79 -8.83 -5.44 13.82
CA THR B 79 -10.10 -4.96 14.38
C THR B 79 -10.34 -3.42 14.35
N MSE B 80 -9.32 -2.68 13.94
CA MSE B 80 -9.43 -1.24 13.76
C MSE B 80 -9.57 -0.83 12.31
O MSE B 80 -8.94 -1.40 11.40
CB MSE B 80 -8.20 -0.55 14.34
CG MSE B 80 -7.82 -1.08 15.71
SE MSE B 80 -6.73 0.23 16.60
CE MSE B 80 -5.04 0.05 15.66
N THR B 81 -10.40 0.18 12.10
CA THR B 81 -10.60 0.72 10.79
C THR B 81 -9.44 1.69 10.54
N GLU B 82 -9.25 2.03 9.27
CA GLU B 82 -8.26 3.02 8.86
C GLU B 82 -8.45 4.32 9.65
N GLU B 83 -9.67 4.86 9.66
CA GLU B 83 -10.00 6.02 10.50
C GLU B 83 -9.44 5.85 11.93
N GLU B 84 -9.79 4.75 12.59
CA GLU B 84 -9.31 4.50 13.96
C GLU B 84 -7.77 4.36 14.07
N GLN B 85 -7.17 3.56 13.19
CA GLN B 85 -5.72 3.45 13.10
C GLN B 85 -5.02 4.81 12.90
N ILE B 86 -5.54 5.67 12.02
CA ILE B 86 -4.95 6.99 11.80
C ILE B 86 -5.12 7.90 13.03
N ALA B 87 -6.33 7.92 13.59
CA ALA B 87 -6.63 8.66 14.84
C ALA B 87 -5.69 8.27 15.96
N LEU B 88 -5.40 6.98 16.11
CA LEU B 88 -4.46 6.47 17.12
C LEU B 88 -3.05 6.96 16.85
N LEU B 89 -2.58 6.73 15.63
CA LEU B 89 -1.28 7.19 15.21
C LEU B 89 -1.03 8.64 15.59
N ALA B 90 -2.02 9.51 15.42
CA ALA B 90 -1.82 10.93 15.68
C ALA B 90 -1.73 11.26 17.18
N THR B 91 -2.03 10.29 18.05
CA THR B 91 -1.96 10.51 19.52
C THR B 91 -0.55 10.39 20.14
N ASN B 92 0.36 9.66 19.48
CA ASN B 92 1.70 9.42 20.05
C ASN B 92 2.75 9.09 18.98
N GLY B 93 3.78 9.92 18.89
CA GLY B 93 4.83 9.78 17.85
C GLY B 93 5.69 8.53 18.00
N LYS B 94 5.76 7.98 19.21
CA LYS B 94 6.46 6.72 19.45
C LYS B 94 5.80 5.56 18.71
N LEU B 95 4.49 5.70 18.48
CA LEU B 95 3.72 4.75 17.70
C LEU B 95 3.98 4.80 16.15
N VAL B 96 4.61 5.86 15.64
CA VAL B 96 4.81 5.99 14.17
C VAL B 96 6.13 5.35 13.71
N LYS B 97 6.08 4.53 12.67
CA LYS B 97 7.31 4.05 12.02
C LYS B 97 8.28 5.20 11.72
N ARG B 98 9.57 4.94 11.87
N ARG B 98 9.57 4.93 11.89
CA ARG B 98 10.61 5.93 11.59
CA ARG B 98 10.65 5.90 11.65
C ARG B 98 11.85 5.26 10.99
C ARG B 98 11.86 5.24 10.99
N PRO B 99 12.60 5.99 10.16
CA PRO B 99 12.26 7.37 9.76
C PRO B 99 11.17 7.37 8.69
N LEU B 100 10.61 8.56 8.45
CA LEU B 100 9.71 8.84 7.32
C LEU B 100 10.33 9.97 6.56
N VAL B 101 10.21 9.94 5.24
CA VAL B 101 10.58 11.07 4.37
C VAL B 101 9.34 11.43 3.56
N VAL B 102 9.04 12.72 3.50
CA VAL B 102 7.84 13.23 2.83
C VAL B 102 8.35 14.20 1.75
N THR B 103 7.94 13.98 0.49
CA THR B 103 8.13 14.96 -0.59
C THR B 103 6.78 15.11 -1.27
N GLU B 104 6.69 16.04 -2.23
CA GLU B 104 5.46 16.32 -2.96
C GLU B 104 4.90 15.09 -3.68
N ARG B 105 5.76 14.30 -4.29
CA ARG B 105 5.29 13.16 -5.09
C ARG B 105 5.25 11.84 -4.32
N PHE B 106 6.08 11.67 -3.29
CA PHE B 106 6.10 10.37 -2.55
C PHE B 106 6.47 10.46 -1.07
N VAL B 107 6.07 9.45 -0.31
CA VAL B 107 6.44 9.31 1.08
C VAL B 107 7.11 7.98 1.27
N LEU B 108 8.29 7.98 1.88
CA LEU B 108 9.00 6.74 2.22
C LEU B 108 8.91 6.42 3.72
N VAL B 109 8.74 5.14 4.01
CA VAL B 109 8.54 4.72 5.37
C VAL B 109 9.64 3.74 5.78
N GLY B 110 10.36 4.06 6.85
CA GLY B 110 11.55 3.29 7.22
C GLY B 110 12.67 3.53 6.22
N PHE B 111 13.81 2.86 6.43
CA PHE B 111 14.98 3.08 5.61
C PHE B 111 15.28 1.92 4.65
N LYS B 112 14.89 2.09 3.40
CA LYS B 112 15.14 1.08 2.37
C LYS B 112 15.89 1.75 1.21
N PRO B 113 17.24 1.64 1.21
CA PRO B 113 18.08 2.32 0.23
C PRO B 113 17.58 2.14 -1.20
N GLU B 114 17.08 0.95 -1.50
CA GLU B 114 16.55 0.64 -2.83
C GLU B 114 15.45 1.65 -3.16
N GLU B 115 14.65 2.02 -2.17
CA GLU B 115 13.53 2.92 -2.41
C GLU B 115 13.93 4.38 -2.29
N TRP B 116 14.91 4.67 -1.43
CA TRP B 116 15.31 6.06 -1.19
C TRP B 116 16.00 6.69 -2.42
N GLU B 117 16.39 5.84 -3.37
CA GLU B 117 16.95 6.30 -4.64
C GLU B 117 15.97 7.15 -5.49
N LYS B 118 14.65 7.05 -5.27
CA LYS B 118 13.69 7.89 -6.01
C LYS B 118 13.94 9.36 -5.74
N LEU B 119 14.61 9.66 -4.61
CA LEU B 119 15.00 11.03 -4.24
C LEU B 119 16.18 11.61 -5.02
N LYS B 120 16.87 10.79 -5.83
CA LYS B 120 18.11 11.22 -6.52
C LYS B 120 17.81 11.71 -7.93
#